data_1GT1
#
_entry.id   1GT1
#
_cell.length_a   55.589
_cell.length_b   65.206
_cell.length_c   42.153
_cell.angle_alpha   90.00
_cell.angle_beta   98.32
_cell.angle_gamma   90.00
#
_symmetry.space_group_name_H-M   'P 1 21 1'
#
loop_
_entity.id
_entity.type
_entity.pdbx_description
1 polymer 'ODORANT-BINDING PROTEIN'
2 non-polymer 2-ISOBUTYL-3-METHOXYPYRAZINE
3 non-polymer ANTHRACEN-1-YLAMINE
4 non-polymer (3S)-1-octen-3-ol
5 water water
#
_entity_poly.entity_id   1
_entity_poly.type   'polypeptide(L)'
_entity_poly.pdbx_seq_one_letter_code
;AQEEEAEQNLSELSGPWRTVYIGSTNPEKIQENGPFRTYFRELVFDDEKGTVDFYFSVKRDGKWKNVHVKATKQDDGTYV
ADYEGQNVFKIVSLSRTHLVAHNINVDKHGQTTELTELFVKLNVEDEDLEKFWKLTEDKGIDKKNVVNFLENENHPHPE
;
_entity_poly.pdbx_strand_id   A,B
#
loop_
_chem_comp.id
_chem_comp.type
_chem_comp.name
_chem_comp.formula
3OM non-polymer (3S)-1-octen-3-ol 'C8 H16 O'
ANC non-polymer ANTHRACEN-1-YLAMINE 'C14 H11 N'
PRZ non-polymer 2-ISOBUTYL-3-METHOXYPYRAZINE 'C9 H14 N2 O'
#
# COMPACT_ATOMS: atom_id res chain seq x y z
N GLN A 2 30.84 -16.66 -20.78
CA GLN A 2 29.79 -15.61 -20.85
C GLN A 2 29.94 -14.63 -19.70
N GLU A 3 28.82 -14.24 -19.11
CA GLU A 3 28.85 -13.35 -17.97
C GLU A 3 29.11 -14.23 -16.76
N GLU A 4 29.33 -13.63 -15.60
CA GLU A 4 29.60 -14.40 -14.40
C GLU A 4 28.35 -14.43 -13.52
N GLU A 5 28.28 -15.42 -12.64
CA GLU A 5 27.13 -15.59 -11.74
C GLU A 5 26.90 -14.36 -10.88
N ALA A 6 25.64 -14.08 -10.56
CA ALA A 6 25.32 -12.91 -9.73
C ALA A 6 24.93 -13.32 -8.32
N GLU A 7 25.60 -12.74 -7.33
CA GLU A 7 25.31 -13.02 -5.93
C GLU A 7 23.86 -12.58 -5.72
N GLN A 8 23.00 -13.51 -5.31
CA GLN A 8 21.59 -13.19 -5.12
C GLN A 8 21.11 -13.13 -3.67
N ASN A 9 20.90 -11.91 -3.19
CA ASN A 9 20.40 -11.67 -1.83
C ASN A 9 19.16 -10.78 -1.92
N LEU A 10 18.01 -11.40 -2.20
CA LEU A 10 16.75 -10.65 -2.33
C LEU A 10 15.75 -11.00 -1.21
N SER A 11 16.12 -11.98 -0.40
CA SER A 11 15.28 -12.43 0.70
C SER A 11 14.69 -11.31 1.56
N GLU A 12 15.50 -10.32 1.89
CA GLU A 12 15.03 -9.24 2.74
C GLU A 12 14.02 -8.30 2.08
N LEU A 13 13.87 -8.39 0.77
CA LEU A 13 12.90 -7.54 0.07
C LEU A 13 11.48 -8.10 0.21
N SER A 14 11.38 -9.29 0.80
CA SER A 14 10.08 -9.92 1.00
C SER A 14 9.21 -9.04 1.88
N GLY A 15 7.91 -9.10 1.65
CA GLY A 15 6.98 -8.30 2.43
C GLY A 15 5.82 -7.75 1.61
N PRO A 16 5.09 -6.78 2.17
CA PRO A 16 3.96 -6.21 1.43
C PRO A 16 4.41 -5.29 0.30
N TRP A 17 3.88 -5.50 -0.90
CA TRP A 17 4.20 -4.66 -2.06
C TRP A 17 2.89 -4.24 -2.71
N ARG A 18 2.92 -3.11 -3.42
CA ARG A 18 1.72 -2.62 -4.10
C ARG A 18 2.02 -2.24 -5.55
N THR A 19 0.99 -2.37 -6.39
CA THR A 19 1.14 -2.00 -7.79
C THR A 19 0.98 -0.49 -7.96
N VAL A 20 1.89 0.14 -8.69
CA VAL A 20 1.77 1.58 -8.96
C VAL A 20 1.30 1.75 -10.40
N TYR A 21 2.08 1.23 -11.36
CA TYR A 21 1.71 1.31 -12.76
C TYR A 21 1.96 -0.01 -13.48
N ILE A 22 1.11 -0.30 -14.47
CA ILE A 22 1.31 -1.45 -15.34
C ILE A 22 0.97 -0.95 -16.75
N GLY A 23 1.89 -1.21 -17.68
CA GLY A 23 1.71 -0.82 -19.07
C GLY A 23 1.62 -2.09 -19.91
N SER A 24 0.97 -2.01 -21.07
CA SER A 24 0.83 -3.19 -21.92
C SER A 24 0.76 -2.89 -23.42
N THR A 25 1.31 -3.79 -24.23
CA THR A 25 1.28 -3.62 -25.69
C THR A 25 -0.12 -3.96 -26.19
N ASN A 26 -0.87 -4.69 -25.39
CA ASN A 26 -2.24 -5.07 -25.71
C ASN A 26 -3.08 -4.50 -24.56
N PRO A 27 -3.77 -3.37 -24.78
CA PRO A 27 -4.58 -2.76 -23.72
C PRO A 27 -5.66 -3.66 -23.12
N GLU A 28 -6.16 -4.60 -23.90
CA GLU A 28 -7.22 -5.50 -23.42
C GLU A 28 -6.79 -6.28 -22.17
N LYS A 29 -5.53 -6.67 -22.14
CA LYS A 29 -4.99 -7.44 -21.02
C LYS A 29 -5.04 -6.71 -19.67
N ILE A 30 -5.03 -5.38 -19.69
CA ILE A 30 -5.06 -4.64 -18.42
C ILE A 30 -6.29 -3.78 -18.17
N GLN A 31 -7.22 -3.76 -19.13
CA GLN A 31 -8.44 -2.99 -18.96
C GLN A 31 -9.27 -3.74 -17.92
N GLU A 32 -10.28 -3.06 -17.38
CA GLU A 32 -11.12 -3.67 -16.35
C GLU A 32 -11.61 -5.03 -16.85
N ASN A 33 -11.45 -6.02 -15.97
CA ASN A 33 -11.80 -7.42 -16.23
C ASN A 33 -10.64 -8.12 -16.95
N GLY A 34 -9.53 -7.41 -17.13
CA GLY A 34 -8.37 -8.00 -17.80
C GLY A 34 -7.55 -8.88 -16.87
N PRO A 35 -6.92 -9.95 -17.39
CA PRO A 35 -6.12 -10.84 -16.54
C PRO A 35 -4.88 -10.22 -15.87
N PHE A 36 -4.32 -9.17 -16.46
CA PHE A 36 -3.15 -8.57 -15.84
C PHE A 36 -3.40 -7.25 -15.11
N ARG A 37 -4.65 -6.99 -14.78
CA ARG A 37 -4.99 -5.78 -14.01
C ARG A 37 -4.85 -6.27 -12.56
N THR A 38 -3.59 -6.54 -12.21
CA THR A 38 -3.25 -7.12 -10.93
C THR A 38 -2.82 -6.19 -9.80
N TYR A 39 -3.57 -6.21 -8.70
CA TYR A 39 -3.22 -5.41 -7.53
C TYR A 39 -2.36 -6.27 -6.60
N PHE A 40 -1.07 -6.00 -6.56
CA PHE A 40 -0.16 -6.76 -5.70
C PHE A 40 -0.44 -6.58 -4.20
N ARG A 41 -0.12 -7.61 -3.43
CA ARG A 41 -0.30 -7.57 -2.00
C ARG A 41 1.00 -7.94 -1.29
N GLU A 42 1.63 -9.02 -1.75
CA GLU A 42 2.84 -9.50 -1.11
C GLU A 42 3.77 -10.25 -2.07
N LEU A 43 5.07 -10.11 -1.83
CA LEU A 43 6.08 -10.81 -2.62
C LEU A 43 7.01 -11.48 -1.61
N VAL A 44 7.40 -12.72 -1.88
CA VAL A 44 8.31 -13.45 -0.99
C VAL A 44 9.43 -14.00 -1.86
N PHE A 45 10.66 -13.60 -1.56
CA PHE A 45 11.83 -14.05 -2.31
C PHE A 45 12.58 -15.11 -1.50
N ASP A 46 12.95 -16.20 -2.17
CA ASP A 46 13.70 -17.27 -1.52
C ASP A 46 15.01 -17.43 -2.29
N ASP A 47 16.10 -16.96 -1.70
CA ASP A 47 17.41 -17.03 -2.35
C ASP A 47 18.01 -18.42 -2.49
N GLU A 48 17.53 -19.35 -1.67
CA GLU A 48 18.02 -20.72 -1.70
C GLU A 48 17.39 -21.55 -2.80
N LYS A 49 16.09 -21.39 -3.00
CA LYS A 49 15.37 -22.13 -4.02
C LYS A 49 15.34 -21.34 -5.32
N GLY A 50 15.69 -20.06 -5.24
CA GLY A 50 15.70 -19.20 -6.41
C GLY A 50 14.30 -18.96 -6.97
N THR A 51 13.35 -18.68 -6.08
CA THR A 51 11.98 -18.45 -6.50
C THR A 51 11.42 -17.16 -5.92
N VAL A 52 10.26 -16.77 -6.44
CA VAL A 52 9.55 -15.59 -5.97
C VAL A 52 8.08 -15.97 -5.96
N ASP A 53 7.42 -15.76 -4.82
CA ASP A 53 5.99 -16.04 -4.75
C ASP A 53 5.27 -14.71 -4.84
N PHE A 54 4.28 -14.67 -5.73
CA PHE A 54 3.47 -13.48 -5.97
C PHE A 54 2.10 -13.70 -5.35
N TYR A 55 1.62 -12.72 -4.59
CA TYR A 55 0.27 -12.80 -4.04
C TYR A 55 -0.39 -11.51 -4.48
N PHE A 56 -1.46 -11.64 -5.24
CA PHE A 56 -2.16 -10.46 -5.73
C PHE A 56 -3.64 -10.72 -5.91
N SER A 57 -4.38 -9.66 -6.19
CA SER A 57 -5.82 -9.74 -6.38
C SER A 57 -6.20 -9.25 -7.78
N VAL A 58 -7.17 -9.91 -8.38
CA VAL A 58 -7.64 -9.53 -9.70
C VAL A 58 -9.14 -9.73 -9.74
N LYS A 59 -9.84 -8.86 -10.46
CA LYS A 59 -11.29 -8.98 -10.56
C LYS A 59 -11.61 -9.72 -11.86
N ARG A 60 -12.41 -10.78 -11.74
CA ARG A 60 -12.78 -11.57 -12.91
C ARG A 60 -14.28 -11.85 -12.93
N ASP A 61 -14.95 -11.41 -14.00
CA ASP A 61 -16.38 -11.65 -14.15
C ASP A 61 -17.19 -11.13 -12.97
N GLY A 62 -16.86 -9.92 -12.53
CA GLY A 62 -17.57 -9.31 -11.42
C GLY A 62 -17.26 -9.89 -10.06
N LYS A 63 -16.19 -10.68 -9.94
CA LYS A 63 -15.82 -11.28 -8.67
C LYS A 63 -14.33 -11.12 -8.37
N TRP A 64 -14.00 -10.81 -7.12
CA TRP A 64 -12.60 -10.64 -6.74
C TRP A 64 -11.92 -11.96 -6.40
N LYS A 65 -10.73 -12.16 -6.95
CA LYS A 65 -9.96 -13.37 -6.72
C LYS A 65 -8.57 -13.06 -6.15
N ASN A 66 -8.15 -13.88 -5.20
CA ASN A 66 -6.83 -13.74 -4.59
C ASN A 66 -6.01 -14.82 -5.28
N VAL A 67 -4.89 -14.41 -5.87
CA VAL A 67 -4.06 -15.33 -6.62
C VAL A 67 -2.66 -15.50 -6.07
N HIS A 68 -2.15 -16.71 -6.17
CA HIS A 68 -0.81 -17.03 -5.72
C HIS A 68 -0.07 -17.69 -6.88
N VAL A 69 1.03 -17.08 -7.30
CA VAL A 69 1.84 -17.59 -8.40
C VAL A 69 3.29 -17.75 -7.94
N LYS A 70 3.90 -18.87 -8.28
CA LYS A 70 5.30 -19.11 -7.92
C LYS A 70 6.15 -19.03 -9.17
N ALA A 71 7.19 -18.21 -9.13
CA ALA A 71 8.09 -18.05 -10.27
C ALA A 71 9.45 -18.65 -9.94
N THR A 72 10.09 -19.24 -10.96
CA THR A 72 11.40 -19.86 -10.78
C THR A 72 12.44 -19.16 -11.65
N LYS A 73 13.58 -18.85 -11.04
CA LYS A 73 14.68 -18.18 -11.74
C LYS A 73 15.40 -19.12 -12.71
N GLN A 74 15.87 -18.58 -13.83
CA GLN A 74 16.58 -19.38 -14.82
C GLN A 74 18.06 -18.99 -14.84
N ASP A 75 18.89 -19.84 -15.46
CA ASP A 75 20.32 -19.58 -15.55
C ASP A 75 20.51 -18.23 -16.22
N ASP A 76 19.61 -17.92 -17.16
CA ASP A 76 19.63 -16.67 -17.91
C ASP A 76 19.48 -15.45 -17.01
N GLY A 77 18.84 -15.63 -15.86
CA GLY A 77 18.65 -14.51 -14.94
C GLY A 77 17.19 -14.06 -14.93
N THR A 78 16.39 -14.62 -15.83
CA THR A 78 14.98 -14.29 -15.91
C THR A 78 14.19 -15.26 -15.05
N TYR A 79 12.90 -14.99 -14.90
CA TYR A 79 12.04 -15.86 -14.12
C TYR A 79 10.90 -16.33 -15.00
N VAL A 80 10.46 -17.57 -14.81
CA VAL A 80 9.35 -18.09 -15.60
C VAL A 80 8.23 -18.46 -14.66
N ALA A 81 6.99 -18.28 -15.11
CA ALA A 81 5.85 -18.61 -14.27
C ALA A 81 4.63 -18.85 -15.14
N ASP A 82 3.72 -19.66 -14.62
CA ASP A 82 2.48 -19.95 -15.34
C ASP A 82 1.34 -19.14 -14.75
N TYR A 83 0.73 -18.33 -15.61
CA TYR A 83 -0.40 -17.51 -15.22
C TYR A 83 -1.02 -16.93 -16.48
N GLU A 84 -2.25 -17.36 -16.77
CA GLU A 84 -2.94 -16.89 -17.96
C GLU A 84 -2.00 -17.07 -19.15
N GLY A 85 -1.32 -18.21 -19.17
CA GLY A 85 -0.38 -18.52 -20.23
C GLY A 85 1.00 -18.71 -19.63
N GLN A 86 2.03 -18.58 -20.45
CA GLN A 86 3.40 -18.72 -20.00
C GLN A 86 3.99 -17.32 -19.90
N ASN A 87 4.81 -17.11 -18.88
CA ASN A 87 5.41 -15.79 -18.68
C ASN A 87 6.90 -15.89 -18.45
N VAL A 88 7.63 -14.92 -18.98
CA VAL A 88 9.05 -14.83 -18.79
C VAL A 88 9.25 -13.38 -18.39
N PHE A 89 9.69 -13.14 -17.16
CA PHE A 89 9.86 -11.75 -16.76
C PHE A 89 11.25 -11.46 -16.25
N LYS A 90 11.63 -10.19 -16.32
CA LYS A 90 12.94 -9.76 -15.89
C LYS A 90 12.82 -8.55 -14.99
N ILE A 91 13.66 -8.53 -13.95
CA ILE A 91 13.69 -7.41 -13.02
C ILE A 91 14.74 -6.45 -13.59
N VAL A 92 14.28 -5.31 -14.06
CA VAL A 92 15.15 -4.32 -14.66
C VAL A 92 15.80 -3.39 -13.64
N SER A 93 15.05 -3.07 -12.58
CA SER A 93 15.55 -2.20 -11.51
C SER A 93 14.94 -2.66 -10.19
N LEU A 94 15.76 -2.80 -9.15
CA LEU A 94 15.25 -3.25 -7.86
C LEU A 94 16.03 -2.68 -6.68
N SER A 95 15.29 -2.17 -5.70
CA SER A 95 15.89 -1.62 -4.50
C SER A 95 15.02 -1.98 -3.31
N ARG A 96 15.36 -1.48 -2.14
CA ARG A 96 14.59 -1.76 -0.93
C ARG A 96 13.19 -1.17 -0.98
N THR A 97 12.94 -0.28 -1.92
CA THR A 97 11.63 0.37 -2.01
C THR A 97 10.85 0.18 -3.30
N HIS A 98 11.52 -0.12 -4.40
CA HIS A 98 10.81 -0.26 -5.68
C HIS A 98 11.30 -1.43 -6.53
N LEU A 99 10.45 -1.80 -7.49
CA LEU A 99 10.75 -2.85 -8.44
C LEU A 99 10.20 -2.41 -9.79
N VAL A 100 11.05 -2.46 -10.82
CA VAL A 100 10.62 -2.12 -12.17
C VAL A 100 10.85 -3.42 -12.94
N ALA A 101 9.79 -3.96 -13.52
CA ALA A 101 9.90 -5.22 -14.22
C ALA A 101 9.31 -5.23 -15.61
N HIS A 102 9.79 -6.18 -16.42
CA HIS A 102 9.37 -6.38 -17.79
C HIS A 102 8.89 -7.82 -17.91
N ASN A 103 7.66 -8.02 -18.39
CA ASN A 103 7.12 -9.36 -18.56
C ASN A 103 6.63 -9.66 -19.96
N ILE A 104 6.92 -10.87 -20.44
CA ILE A 104 6.45 -11.29 -21.75
C ILE A 104 5.48 -12.43 -21.49
N ASN A 105 4.23 -12.26 -21.93
CA ASN A 105 3.21 -13.27 -21.75
C ASN A 105 2.76 -13.80 -23.11
N VAL A 106 2.53 -15.10 -23.19
CA VAL A 106 2.06 -15.73 -24.40
C VAL A 106 0.81 -16.48 -23.94
N ASP A 107 -0.35 -16.07 -24.43
CA ASP A 107 -1.59 -16.71 -24.02
C ASP A 107 -1.90 -18.01 -24.77
N LYS A 108 -3.01 -18.64 -24.42
CA LYS A 108 -3.40 -19.90 -25.03
C LYS A 108 -3.56 -19.87 -26.55
N HIS A 109 -3.54 -18.68 -27.14
CA HIS A 109 -3.69 -18.54 -28.58
C HIS A 109 -2.40 -18.13 -29.28
N GLY A 110 -1.29 -18.17 -28.55
CA GLY A 110 -0.01 -17.79 -29.12
C GLY A 110 0.20 -16.30 -29.21
N GLN A 111 -0.76 -15.52 -28.70
CA GLN A 111 -0.66 -14.07 -28.75
C GLN A 111 0.38 -13.60 -27.73
N THR A 112 1.31 -12.76 -28.19
CA THR A 112 2.37 -12.22 -27.35
C THR A 112 2.00 -10.83 -26.81
N THR A 113 2.19 -10.64 -25.52
CA THR A 113 1.90 -9.34 -24.88
C THR A 113 3.09 -8.98 -24.01
N GLU A 114 3.59 -7.77 -24.16
CA GLU A 114 4.70 -7.33 -23.32
C GLU A 114 4.14 -6.33 -22.31
N LEU A 115 4.53 -6.49 -21.05
CA LEU A 115 4.04 -5.59 -20.00
C LEU A 115 5.20 -5.02 -19.21
N THR A 116 5.01 -3.80 -18.71
CA THR A 116 6.02 -3.15 -17.89
C THR A 116 5.29 -2.83 -16.59
N GLU A 117 6.02 -2.80 -15.50
CA GLU A 117 5.38 -2.52 -14.24
C GLU A 117 6.28 -1.88 -13.22
N LEU A 118 5.67 -1.06 -12.37
CA LEU A 118 6.36 -0.38 -11.29
C LEU A 118 5.62 -0.78 -10.03
N PHE A 119 6.35 -1.36 -9.08
CA PHE A 119 5.76 -1.79 -7.81
C PHE A 119 6.54 -1.14 -6.66
N VAL A 120 5.83 -0.81 -5.59
CA VAL A 120 6.46 -0.19 -4.43
C VAL A 120 6.25 -1.03 -3.18
N LYS A 121 7.27 -1.06 -2.32
CA LYS A 121 7.19 -1.82 -1.09
C LYS A 121 6.72 -0.99 0.08
N LEU A 122 5.90 -1.58 0.94
CA LEU A 122 5.43 -0.89 2.14
C LEU A 122 6.36 -1.36 3.23
N ASN A 123 7.31 -0.50 3.57
CA ASN A 123 8.29 -0.81 4.59
C ASN A 123 7.86 -0.39 5.97
N VAL A 124 7.86 -1.33 6.92
CA VAL A 124 7.51 -1.03 8.29
C VAL A 124 8.78 -1.25 9.10
N GLU A 125 9.32 -0.16 9.61
CA GLU A 125 10.56 -0.20 10.39
C GLU A 125 10.38 -0.67 11.83
N ASP A 126 11.38 -1.38 12.35
CA ASP A 126 11.33 -1.87 13.72
C ASP A 126 11.25 -0.75 14.74
N GLU A 127 11.97 0.33 14.50
CA GLU A 127 11.94 1.47 15.42
C GLU A 127 10.55 2.05 15.57
N ASP A 128 9.81 2.10 14.47
CA ASP A 128 8.46 2.66 14.49
C ASP A 128 7.47 1.68 15.11
N LEU A 129 7.68 0.39 14.87
CA LEU A 129 6.82 -0.64 15.44
C LEU A 129 6.97 -0.63 16.96
N GLU A 130 8.20 -0.45 17.42
CA GLU A 130 8.45 -0.41 18.86
C GLU A 130 7.77 0.80 19.50
N LYS A 131 7.77 1.93 18.79
CA LYS A 131 7.14 3.14 19.30
C LYS A 131 5.64 2.89 19.44
N PHE A 132 5.05 2.25 18.45
CA PHE A 132 3.61 1.96 18.49
C PHE A 132 3.28 1.02 19.64
N TRP A 133 4.06 -0.04 19.79
CA TRP A 133 3.78 -0.99 20.86
C TRP A 133 3.95 -0.40 22.24
N LYS A 134 4.93 0.47 22.42
CA LYS A 134 5.13 1.08 23.73
C LYS A 134 3.94 1.99 24.03
N LEU A 135 3.56 2.82 23.05
CA LEU A 135 2.44 3.74 23.22
C LEU A 135 1.18 2.97 23.54
N THR A 136 0.97 1.86 22.83
CA THR A 136 -0.21 1.03 23.02
C THR A 136 -0.22 0.43 24.44
N GLU A 137 0.96 0.05 24.92
CA GLU A 137 1.08 -0.50 26.26
C GLU A 137 0.82 0.60 27.30
N ASP A 138 1.34 1.80 27.04
CA ASP A 138 1.17 2.93 27.96
C ASP A 138 -0.30 3.29 28.16
N LYS A 139 -1.10 3.11 27.11
CA LYS A 139 -2.54 3.44 27.17
C LYS A 139 -3.38 2.26 27.66
N GLY A 140 -2.71 1.21 28.13
CA GLY A 140 -3.39 0.04 28.67
C GLY A 140 -4.21 -0.77 27.70
N ILE A 141 -3.80 -0.78 26.43
CA ILE A 141 -4.53 -1.53 25.42
C ILE A 141 -3.99 -2.95 25.30
N ASP A 142 -4.88 -3.93 25.32
CA ASP A 142 -4.52 -5.35 25.24
C ASP A 142 -4.11 -5.72 23.80
N LYS A 143 -3.06 -6.54 23.68
CA LYS A 143 -2.57 -6.97 22.37
C LYS A 143 -3.70 -7.55 21.52
N LYS A 144 -4.69 -8.14 22.18
CA LYS A 144 -5.83 -8.73 21.49
C LYS A 144 -6.75 -7.64 20.90
N ASN A 145 -6.60 -6.42 21.38
CA ASN A 145 -7.43 -5.31 20.89
C ASN A 145 -6.72 -4.43 19.87
N VAL A 146 -5.83 -5.06 19.11
CA VAL A 146 -5.08 -4.38 18.06
C VAL A 146 -5.37 -5.13 16.76
N VAL A 147 -5.79 -4.39 15.74
CA VAL A 147 -6.10 -4.98 14.44
C VAL A 147 -4.99 -4.75 13.42
N ASN A 148 -4.65 -5.79 12.67
CA ASN A 148 -3.63 -5.72 11.62
C ASN A 148 -4.34 -5.40 10.31
N PHE A 149 -4.02 -4.25 9.72
CA PHE A 149 -4.64 -3.83 8.47
C PHE A 149 -3.82 -4.16 7.22
N LEU A 150 -2.59 -4.61 7.41
CA LEU A 150 -1.72 -4.92 6.28
C LEU A 150 -2.00 -6.30 5.71
N GLU A 151 -2.31 -7.22 6.61
CA GLU A 151 -2.64 -8.59 6.22
C GLU A 151 -4.04 -8.86 6.75
N ASN A 152 -5.04 -8.23 6.14
CA ASN A 152 -6.42 -8.43 6.57
C ASN A 152 -7.29 -8.85 5.39
N GLU A 153 -8.22 -9.76 5.64
CA GLU A 153 -9.12 -10.28 4.60
C GLU A 153 -10.18 -9.27 4.18
N ASN A 154 -10.78 -8.59 5.15
CA ASN A 154 -11.83 -7.62 4.89
C ASN A 154 -11.23 -6.24 4.59
N HIS A 155 -11.08 -5.91 3.30
CA HIS A 155 -10.52 -4.63 2.87
C HIS A 155 -11.30 -4.02 1.70
N PRO A 156 -11.19 -2.69 1.51
CA PRO A 156 -11.88 -1.98 0.42
C PRO A 156 -11.48 -2.49 -0.97
N HIS A 157 -12.33 -2.24 -1.95
CA HIS A 157 -12.09 -2.66 -3.33
C HIS A 157 -11.73 -1.47 -4.20
N PRO A 158 -10.62 -1.56 -4.93
CA PRO A 158 -10.16 -0.48 -5.81
C PRO A 158 -11.09 -0.21 -6.98
N GLU A 159 -11.96 -1.16 -7.28
CA GLU A 159 -12.91 -1.03 -8.38
C GLU A 159 -13.99 -2.12 -8.34
N GLU B 3 23.43 11.73 -6.38
CA GLU B 3 22.69 11.55 -5.11
C GLU B 3 21.98 12.83 -4.65
N GLU B 4 20.65 12.80 -4.63
CA GLU B 4 19.88 13.97 -4.22
C GLU B 4 18.58 13.57 -3.55
N GLU B 5 18.05 14.47 -2.74
CA GLU B 5 16.81 14.22 -2.03
C GLU B 5 16.00 15.50 -1.89
N ALA B 6 14.70 15.38 -2.08
CA ALA B 6 13.81 16.52 -1.99
C ALA B 6 13.94 17.21 -0.64
N GLU B 7 13.76 18.52 -0.64
CA GLU B 7 13.85 19.31 0.57
C GLU B 7 12.70 18.89 1.49
N GLN B 8 13.03 18.59 2.74
CA GLN B 8 12.02 18.17 3.71
C GLN B 8 11.03 19.27 4.04
N ASN B 9 9.75 19.01 3.77
CA ASN B 9 8.67 19.95 4.03
C ASN B 9 7.50 19.16 4.59
N LEU B 10 6.71 19.79 5.46
CA LEU B 10 5.57 19.09 6.05
C LEU B 10 4.58 18.72 4.95
N SER B 11 4.49 19.58 3.95
CA SER B 11 3.59 19.35 2.82
C SER B 11 4.12 18.22 1.95
N GLU B 12 5.42 17.92 2.07
CA GLU B 12 6.02 16.85 1.30
C GLU B 12 5.57 15.50 1.86
N LEU B 13 4.99 15.52 3.05
CA LEU B 13 4.49 14.31 3.68
C LEU B 13 3.13 13.92 3.13
N SER B 14 2.48 14.87 2.45
CA SER B 14 1.16 14.62 1.87
C SER B 14 1.23 13.56 0.77
N GLY B 15 0.16 12.77 0.66
CA GLY B 15 0.14 11.74 -0.36
C GLY B 15 -0.49 10.45 0.12
N PRO B 16 -0.23 9.34 -0.55
CA PRO B 16 -0.83 8.06 -0.15
C PRO B 16 -0.24 7.50 1.16
N TRP B 17 -1.12 7.18 2.09
CA TRP B 17 -0.72 6.61 3.38
C TRP B 17 -1.60 5.37 3.60
N ARG B 18 -1.09 4.42 4.37
CA ARG B 18 -1.82 3.18 4.65
C ARG B 18 -1.82 2.81 6.13
N THR B 19 -2.92 2.22 6.59
CA THR B 19 -3.01 1.80 7.97
C THR B 19 -2.26 0.48 8.20
N VAL B 20 -1.47 0.42 9.26
CA VAL B 20 -0.74 -0.80 9.59
C VAL B 20 -1.44 -1.45 10.79
N TYR B 21 -1.48 -0.73 11.93
CA TYR B 21 -2.16 -1.24 13.11
C TYR B 21 -2.98 -0.15 13.77
N ILE B 22 -4.07 -0.55 14.41
CA ILE B 22 -4.88 0.38 15.20
C ILE B 22 -5.28 -0.40 16.45
N GLY B 23 -5.03 0.18 17.62
CA GLY B 23 -5.39 -0.44 18.89
C GLY B 23 -6.49 0.41 19.55
N SER B 24 -7.34 -0.21 20.36
CA SER B 24 -8.44 0.52 21.01
C SER B 24 -8.71 0.01 22.44
N THR B 25 -9.02 0.95 23.34
CA THR B 25 -9.35 0.60 24.73
C THR B 25 -10.74 -0.04 24.72
N ASN B 26 -11.51 0.24 23.68
CA ASN B 26 -12.84 -0.34 23.54
C ASN B 26 -12.83 -1.12 22.22
N PRO B 27 -12.76 -2.46 22.30
CA PRO B 27 -12.73 -3.30 21.11
C PRO B 27 -13.87 -3.11 20.11
N GLU B 28 -15.06 -2.79 20.60
CA GLU B 28 -16.20 -2.61 19.71
C GLU B 28 -15.97 -1.52 18.67
N LYS B 29 -15.17 -0.51 19.00
CA LYS B 29 -14.91 0.58 18.06
C LYS B 29 -14.10 0.18 16.82
N ILE B 30 -13.33 -0.91 16.91
CA ILE B 30 -12.51 -1.33 15.79
C ILE B 30 -12.86 -2.71 15.21
N GLN B 31 -13.91 -3.32 15.75
CA GLN B 31 -14.38 -4.62 15.26
C GLN B 31 -15.11 -4.36 13.94
N GLU B 32 -15.49 -5.44 13.25
CA GLU B 32 -16.21 -5.29 11.99
C GLU B 32 -17.39 -4.34 12.23
N ASN B 33 -17.55 -3.39 11.32
CA ASN B 33 -18.60 -2.37 11.39
C ASN B 33 -18.34 -1.30 12.45
N GLY B 34 -17.16 -1.32 13.03
CA GLY B 34 -16.81 -0.32 14.03
C GLY B 34 -16.39 0.96 13.29
N PRO B 35 -16.67 2.14 13.85
CA PRO B 35 -16.30 3.38 13.17
C PRO B 35 -14.80 3.69 13.07
N PHE B 36 -13.98 3.07 13.90
CA PHE B 36 -12.55 3.33 13.83
C PHE B 36 -11.71 2.25 13.16
N ARG B 37 -12.37 1.36 12.43
N ARG B 37 -12.36 1.35 12.43
CA ARG B 37 -11.65 0.31 11.71
CA ARG B 37 -11.67 0.30 11.70
C ARG B 37 -11.43 0.96 10.35
C ARG B 37 -11.43 0.95 10.34
N THR B 38 -10.58 1.98 10.35
CA THR B 38 -10.30 2.76 9.19
C THR B 38 -9.09 2.46 8.32
N TYR B 39 -9.35 2.25 7.03
CA TYR B 39 -8.29 1.99 6.05
C TYR B 39 -7.91 3.33 5.41
N PHE B 40 -6.75 3.87 5.75
CA PHE B 40 -6.31 5.14 5.18
C PHE B 40 -6.02 5.08 3.67
N ARG B 41 -6.29 6.18 2.99
CA ARG B 41 -6.05 6.30 1.55
C ARG B 41 -5.00 7.41 1.33
N GLU B 42 -5.31 8.59 1.83
CA GLU B 42 -4.41 9.75 1.65
C GLU B 42 -4.50 10.71 2.81
N LEU B 43 -3.41 11.45 3.03
CA LEU B 43 -3.36 12.47 4.06
C LEU B 43 -2.82 13.72 3.38
N VAL B 44 -3.35 14.88 3.73
CA VAL B 44 -2.86 16.13 3.17
C VAL B 44 -2.53 17.06 4.33
N PHE B 45 -1.25 17.44 4.44
CA PHE B 45 -0.82 18.35 5.50
C PHE B 45 -0.70 19.77 4.94
N ASP B 46 -1.20 20.76 5.67
CA ASP B 46 -1.13 22.14 5.22
C ASP B 46 -0.53 22.97 6.34
N ASP B 47 0.75 23.30 6.21
CA ASP B 47 1.48 24.08 7.19
C ASP B 47 0.89 25.46 7.45
N GLU B 48 0.48 26.14 6.39
CA GLU B 48 -0.09 27.48 6.51
C GLU B 48 -1.39 27.51 7.30
N LYS B 49 -2.32 26.63 6.94
CA LYS B 49 -3.61 26.59 7.61
C LYS B 49 -3.62 25.83 8.93
N GLY B 50 -2.61 25.00 9.15
CA GLY B 50 -2.53 24.22 10.36
C GLY B 50 -3.60 23.14 10.38
N THR B 51 -3.73 22.45 9.25
CA THR B 51 -4.73 21.39 9.14
C THR B 51 -4.17 20.12 8.52
N VAL B 52 -4.89 19.03 8.75
CA VAL B 52 -4.52 17.76 8.16
C VAL B 52 -5.84 17.21 7.63
N ASP B 53 -5.88 16.86 6.36
CA ASP B 53 -7.09 16.29 5.77
C ASP B 53 -6.88 14.79 5.68
N PHE B 54 -7.84 14.04 6.24
CA PHE B 54 -7.80 12.59 6.26
C PHE B 54 -8.79 12.02 5.26
N TYR B 55 -8.32 11.07 4.44
CA TYR B 55 -9.20 10.40 3.50
C TYR B 55 -9.07 8.92 3.82
N PHE B 56 -10.18 8.29 4.17
CA PHE B 56 -10.12 6.88 4.50
C PHE B 56 -11.41 6.19 4.13
N SER B 57 -11.42 4.87 4.33
CA SER B 57 -12.58 4.05 4.01
C SER B 57 -12.93 3.23 5.24
N VAL B 58 -14.22 3.03 5.45
CA VAL B 58 -14.65 2.29 6.61
C VAL B 58 -15.93 1.57 6.22
N LYS B 59 -16.09 0.34 6.70
CA LYS B 59 -17.29 -0.43 6.36
C LYS B 59 -18.38 -0.15 7.38
N ARG B 60 -19.56 0.19 6.88
CA ARG B 60 -20.71 0.50 7.72
C ARG B 60 -21.92 -0.19 7.12
N ASP B 61 -22.62 -0.99 7.93
CA ASP B 61 -23.79 -1.71 7.44
C ASP B 61 -23.42 -2.59 6.25
N GLY B 62 -22.30 -3.30 6.38
CA GLY B 62 -21.85 -4.18 5.30
C GLY B 62 -21.43 -3.48 4.03
N LYS B 63 -21.32 -2.15 4.06
CA LYS B 63 -20.94 -1.40 2.86
C LYS B 63 -19.76 -0.47 3.11
N TRP B 64 -18.80 -0.47 2.18
CA TRP B 64 -17.63 0.39 2.30
C TRP B 64 -17.99 1.82 1.96
N LYS B 65 -17.54 2.76 2.79
CA LYS B 65 -17.82 4.17 2.59
C LYS B 65 -16.51 4.94 2.56
N ASN B 66 -16.45 5.97 1.72
CA ASN B 66 -15.27 6.82 1.65
C ASN B 66 -15.58 8.03 2.52
N VAL B 67 -14.68 8.35 3.44
CA VAL B 67 -14.90 9.45 4.37
C VAL B 67 -13.75 10.46 4.36
N HIS B 68 -14.10 11.73 4.49
CA HIS B 68 -13.11 12.82 4.57
C HIS B 68 -13.30 13.56 5.89
N VAL B 69 -12.20 13.75 6.62
CA VAL B 69 -12.22 14.46 7.89
C VAL B 69 -11.10 15.48 7.92
N LYS B 70 -11.41 16.71 8.29
CA LYS B 70 -10.41 17.76 8.38
C LYS B 70 -10.14 18.00 9.87
N ALA B 71 -8.87 17.91 10.27
CA ALA B 71 -8.50 18.15 11.67
C ALA B 71 -7.79 19.50 11.70
N THR B 72 -7.93 20.21 12.82
CA THR B 72 -7.30 21.53 12.97
C THR B 72 -6.34 21.54 14.16
N LYS B 73 -5.15 22.10 13.95
CA LYS B 73 -4.15 22.15 15.00
C LYS B 73 -4.44 23.20 16.07
N GLN B 74 -4.12 22.86 17.32
CA GLN B 74 -4.29 23.78 18.44
C GLN B 74 -2.93 24.32 18.82
N ASP B 75 -2.90 25.38 19.62
CA ASP B 75 -1.63 25.96 20.04
C ASP B 75 -0.72 24.93 20.70
N ASP B 76 -1.28 24.05 21.53
CA ASP B 76 -0.47 23.05 22.20
C ASP B 76 0.06 21.99 21.23
N GLY B 77 -0.31 22.09 19.96
CA GLY B 77 0.18 21.14 18.99
C GLY B 77 -0.73 19.96 18.68
N THR B 78 -1.75 19.74 19.50
CA THR B 78 -2.68 18.64 19.27
C THR B 78 -3.65 19.04 18.17
N TYR B 79 -4.44 18.09 17.67
CA TYR B 79 -5.40 18.38 16.61
C TYR B 79 -6.79 17.99 17.06
N VAL B 80 -7.79 18.72 16.60
CA VAL B 80 -9.16 18.40 16.95
C VAL B 80 -9.90 18.06 15.68
N ALA B 81 -10.82 17.11 15.75
CA ALA B 81 -11.58 16.75 14.57
C ALA B 81 -12.91 16.18 15.00
N ASP B 82 -13.91 16.40 14.14
CA ASP B 82 -15.27 15.93 14.36
C ASP B 82 -15.50 14.66 13.53
N TYR B 83 -15.66 13.54 14.21
CA TYR B 83 -15.91 12.25 13.55
C TYR B 83 -16.42 11.29 14.60
N GLU B 84 -17.65 10.83 14.44
CA GLU B 84 -18.26 9.92 15.41
C GLU B 84 -18.06 10.44 16.83
N GLY B 85 -18.27 11.74 17.02
CA GLY B 85 -18.09 12.35 18.32
C GLY B 85 -16.94 13.34 18.21
N GLN B 86 -16.38 13.74 19.33
CA GLN B 86 -15.25 14.69 19.29
C GLN B 86 -13.94 13.92 19.46
N ASN B 87 -12.90 14.38 18.78
CA ASN B 87 -11.61 13.73 18.83
C ASN B 87 -10.50 14.74 19.06
N VAL B 88 -9.52 14.34 19.86
CA VAL B 88 -8.32 15.15 20.09
C VAL B 88 -7.23 14.13 19.76
N PHE B 89 -6.45 14.46 18.74
N PHE B 89 -6.44 14.38 18.73
CA PHE B 89 -5.40 13.63 18.14
CA PHE B 89 -5.38 13.42 18.48
C PHE B 89 -3.97 14.16 18.35
C PHE B 89 -4.05 14.11 18.54
N LYS B 90 -3.05 13.31 18.83
CA LYS B 90 -1.69 13.74 19.02
C LYS B 90 -0.74 12.92 18.18
N ILE B 91 0.16 13.60 17.47
CA ILE B 91 1.15 12.91 16.67
C ILE B 91 2.30 12.63 17.62
N VAL B 92 2.57 11.35 17.86
CA VAL B 92 3.62 10.93 18.77
C VAL B 92 4.97 10.79 18.07
N SER B 93 4.93 10.38 16.80
CA SER B 93 6.14 10.24 15.99
C SER B 93 5.77 10.44 14.52
N LEU B 94 6.61 11.18 13.79
CA LEU B 94 6.34 11.44 12.38
C LEU B 94 7.61 11.64 11.56
N SER B 95 7.66 10.99 10.40
CA SER B 95 8.80 11.12 9.51
C SER B 95 8.30 10.93 8.09
N ARG B 96 9.25 10.95 7.16
CA ARG B 96 8.93 10.79 5.75
C ARG B 96 8.20 9.49 5.45
N THR B 97 8.33 8.49 6.31
CA THR B 97 7.69 7.21 6.06
C THR B 97 6.67 6.66 7.05
N HIS B 98 6.61 7.20 8.27
N HIS B 98 6.66 7.14 8.29
CA HIS B 98 5.67 6.69 9.26
CA HIS B 98 5.71 6.64 9.29
C HIS B 98 4.97 7.75 10.09
C HIS B 98 5.03 7.71 10.14
N LEU B 99 3.90 7.33 10.73
CA LEU B 99 3.13 8.19 11.61
C LEU B 99 2.59 7.34 12.73
N VAL B 100 2.86 7.74 13.97
CA VAL B 100 2.35 7.04 15.16
C VAL B 100 1.50 8.08 15.85
N ALA B 101 0.25 7.75 16.14
CA ALA B 101 -0.65 8.71 16.75
C ALA B 101 -1.50 8.14 17.87
N HIS B 102 -1.94 9.04 18.75
CA HIS B 102 -2.79 8.68 19.87
C HIS B 102 -4.06 9.53 19.72
N ASN B 103 -5.23 8.91 19.74
CA ASN B 103 -6.49 9.64 19.60
C ASN B 103 -7.39 9.39 20.79
N ILE B 104 -8.06 10.45 21.25
CA ILE B 104 -9.00 10.33 22.34
C ILE B 104 -10.35 10.68 21.68
N ASN B 105 -11.31 9.77 21.77
CA ASN B 105 -12.62 10.01 21.18
C ASN B 105 -13.69 9.99 22.27
N VAL B 106 -14.64 10.91 22.21
CA VAL B 106 -15.74 10.93 23.16
C VAL B 106 -16.95 10.90 22.23
N ASP B 107 -17.71 9.82 22.28
CA ASP B 107 -18.85 9.69 21.38
C ASP B 107 -20.11 10.43 21.79
N LYS B 108 -21.16 10.26 20.98
CA LYS B 108 -22.43 10.93 21.22
C LYS B 108 -23.09 10.55 22.54
N HIS B 109 -22.56 9.53 23.22
CA HIS B 109 -23.12 9.11 24.51
C HIS B 109 -22.23 9.47 25.70
N GLY B 110 -21.13 10.18 25.44
CA GLY B 110 -20.22 10.57 26.51
C GLY B 110 -19.21 9.51 26.88
N GLN B 111 -19.16 8.45 26.08
CA GLN B 111 -18.23 7.34 26.30
C GLN B 111 -16.87 7.70 25.70
N THR B 112 -15.81 7.51 26.47
CA THR B 112 -14.44 7.81 26.03
C THR B 112 -13.69 6.56 25.59
N THR B 113 -13.02 6.65 24.45
CA THR B 113 -12.23 5.55 23.90
C THR B 113 -10.90 6.14 23.51
N GLU B 114 -9.81 5.45 23.81
CA GLU B 114 -8.50 5.93 23.41
C GLU B 114 -7.97 4.95 22.38
N LEU B 115 -7.39 5.49 21.31
CA LEU B 115 -6.87 4.64 20.25
C LEU B 115 -5.45 4.99 19.89
N THR B 116 -4.73 3.99 19.41
CA THR B 116 -3.35 4.18 18.97
C THR B 116 -3.29 3.68 17.54
N GLU B 117 -2.38 4.25 16.74
CA GLU B 117 -2.30 3.82 15.37
C GLU B 117 -0.94 4.00 14.76
N LEU B 118 -0.62 3.11 13.82
CA LEU B 118 0.63 3.18 13.11
C LEU B 118 0.26 3.21 11.64
N PHE B 119 0.73 4.24 10.93
CA PHE B 119 0.46 4.40 9.51
C PHE B 119 1.76 4.55 8.75
N VAL B 120 1.78 4.07 7.52
CA VAL B 120 2.99 4.15 6.71
C VAL B 120 2.70 4.84 5.39
N LYS B 121 3.67 5.60 4.90
CA LYS B 121 3.49 6.30 3.65
C LYS B 121 4.03 5.50 2.48
N LEU B 122 3.34 5.58 1.35
CA LEU B 122 3.79 4.90 0.13
C LEU B 122 4.55 5.95 -0.65
N ASN B 123 5.86 5.78 -0.74
CA ASN B 123 6.70 6.74 -1.45
C ASN B 123 7.11 6.27 -2.83
N VAL B 124 6.84 7.10 -3.83
CA VAL B 124 7.21 6.81 -5.21
C VAL B 124 8.24 7.88 -5.56
N GLU B 125 9.48 7.45 -5.79
CA GLU B 125 10.56 8.36 -6.12
C GLU B 125 10.64 8.72 -7.60
N ASP B 126 11.07 9.95 -7.89
CA ASP B 126 11.19 10.44 -9.24
C ASP B 126 12.03 9.55 -10.16
N GLU B 127 13.20 9.15 -9.67
CA GLU B 127 14.07 8.32 -10.49
C GLU B 127 13.45 6.97 -10.83
N ASP B 128 12.61 6.46 -9.94
CA ASP B 128 11.97 5.18 -10.22
C ASP B 128 10.87 5.34 -11.27
N LEU B 129 10.18 6.47 -11.23
CA LEU B 129 9.14 6.74 -12.21
C LEU B 129 9.81 6.90 -13.57
N GLU B 130 10.95 7.57 -13.60
CA GLU B 130 11.66 7.78 -14.86
C GLU B 130 12.10 6.45 -15.46
N LYS B 131 12.60 5.55 -14.62
CA LYS B 131 13.03 4.23 -15.09
C LYS B 131 11.85 3.48 -15.67
N PHE B 132 10.70 3.58 -14.99
CA PHE B 132 9.50 2.91 -15.48
C PHE B 132 9.06 3.46 -16.84
N TRP B 133 9.04 4.77 -16.99
CA TRP B 133 8.62 5.35 -18.24
C TRP B 133 9.59 5.07 -19.39
N LYS B 134 10.89 5.03 -19.10
CA LYS B 134 11.87 4.76 -20.14
C LYS B 134 11.68 3.32 -20.65
N LEU B 135 11.58 2.37 -19.72
CA LEU B 135 11.37 0.98 -20.09
C LEU B 135 10.08 0.85 -20.90
N THR B 136 9.06 1.58 -20.48
CA THR B 136 7.78 1.53 -21.16
C THR B 136 7.90 2.06 -22.60
N GLU B 137 8.65 3.14 -22.78
CA GLU B 137 8.79 3.67 -24.13
C GLU B 137 9.71 2.77 -24.96
N ASP B 138 10.67 2.11 -24.32
CA ASP B 138 11.59 1.22 -25.03
C ASP B 138 10.79 0.05 -25.64
N LYS B 139 9.73 -0.35 -24.95
CA LYS B 139 8.92 -1.47 -25.42
C LYS B 139 7.82 -1.05 -26.38
N GLY B 140 7.80 0.22 -26.75
CA GLY B 140 6.80 0.72 -27.68
C GLY B 140 5.38 0.72 -27.15
N ILE B 141 5.23 0.95 -25.85
CA ILE B 141 3.92 1.01 -25.21
C ILE B 141 3.46 2.44 -25.13
N ASP B 142 2.27 2.71 -25.67
CA ASP B 142 1.70 4.06 -25.66
C ASP B 142 1.24 4.40 -24.24
N LYS B 143 1.44 5.65 -23.83
CA LYS B 143 1.06 6.09 -22.48
C LYS B 143 -0.41 5.91 -22.15
N LYS B 144 -1.26 5.83 -23.17
CA LYS B 144 -2.69 5.66 -22.93
C LYS B 144 -2.97 4.20 -22.59
N ASN B 145 -1.97 3.36 -22.77
CA ASN B 145 -2.09 1.94 -22.48
C ASN B 145 -1.41 1.61 -21.15
N VAL B 146 -1.42 2.59 -20.25
CA VAL B 146 -0.84 2.44 -18.92
C VAL B 146 -1.91 2.74 -17.87
N VAL B 147 -2.04 1.87 -16.88
CA VAL B 147 -3.01 2.05 -15.81
C VAL B 147 -2.34 2.45 -14.50
N ASN B 148 -2.95 3.42 -13.81
CA ASN B 148 -2.44 3.90 -12.54
C ASN B 148 -3.22 3.19 -11.45
N PHE B 149 -2.64 2.12 -10.89
CA PHE B 149 -3.30 1.35 -9.84
C PHE B 149 -3.32 2.08 -8.49
N LEU B 150 -2.31 2.90 -8.23
CA LEU B 150 -2.24 3.63 -6.99
C LEU B 150 -3.40 4.61 -6.80
N GLU B 151 -3.76 5.33 -7.86
CA GLU B 151 -4.86 6.27 -7.73
C GLU B 151 -6.20 5.53 -7.63
N ASN B 152 -6.26 4.32 -8.19
CA ASN B 152 -7.49 3.53 -8.08
C ASN B 152 -7.65 3.14 -6.61
N GLU B 153 -6.56 2.67 -5.98
CA GLU B 153 -6.63 2.31 -4.57
C GLU B 153 -6.91 3.51 -3.67
N ASN B 154 -6.43 4.69 -4.08
CA ASN B 154 -6.65 5.92 -3.29
C ASN B 154 -8.06 6.47 -3.44
N HIS B 155 -8.78 5.98 -4.45
CA HIS B 155 -10.14 6.45 -4.68
C HIS B 155 -11.02 5.24 -4.98
N PRO B 156 -11.24 4.38 -3.99
CA PRO B 156 -12.06 3.17 -4.14
C PRO B 156 -13.56 3.46 -4.16
N HIS B 157 -14.36 2.40 -4.14
CA HIS B 157 -15.82 2.56 -4.13
C HIS B 157 -16.52 1.30 -3.60
N PRO B 158 -17.77 1.31 -3.58
N1 PRZ C . 3.21 -6.82 -14.83
C2 PRZ C . 3.47 -8.02 -14.22
C3 PRZ C . 4.82 -8.42 -14.06
N4 PRZ C . 5.84 -7.51 -14.54
C5 PRZ C . 5.51 -6.22 -15.20
C6 PRZ C . 4.13 -5.87 -15.34
C21 PRZ C . 2.10 -8.82 -13.77
C22 PRZ C . 2.01 -10.11 -12.72
C23 PRZ C . 0.67 -10.45 -12.59
C24 PRZ C . 2.63 -11.20 -13.21
O31 PRZ C . 5.04 -9.52 -13.49
C31 PRZ C . 6.38 -9.99 -13.29
C1 ANC D . 2.03 -10.14 -13.24
C2 ANC D . 0.94 -10.81 -12.79
C3 ANC D . 3.31 -10.78 -13.31
C4 ANC D . 1.03 -12.20 -12.38
C5 ANC D . 3.44 -12.14 -12.91
C6 ANC D . 2.33 -12.86 -12.45
C7 ANC D . 5.32 -6.67 -15.01
C8 ANC D . 4.09 -6.00 -14.96
C9 ANC D . 5.45 -8.01 -14.62
C10 ANC D . 2.98 -6.72 -14.51
C11 ANC D . 4.36 -8.72 -14.17
C12 ANC D . 3.10 -8.08 -14.10
C13 ANC D . 1.86 -8.79 -13.62
C14 ANC D . 4.54 -10.17 -13.75
N1 ANC D . 4.77 -12.86 -12.97
C1 ANC E . -8.94 8.52 13.04
C2 ANC E . -9.98 8.70 12.18
C3 ANC E . -8.46 9.59 13.84
C4 ANC E . -10.63 10.01 12.06
C5 ANC E . -9.07 10.88 13.75
C6 ANC E . -10.14 11.10 12.88
C7 ANC E . -5.08 6.69 15.85
C8 ANC E . -5.54 5.61 15.09
C9 ANC E . -5.69 7.96 15.73
C10 ANC E . -6.61 5.81 14.19
C11 ANC E . -6.75 8.15 14.86
C12 ANC E . -7.22 7.07 14.08
C13 ANC E . -8.37 7.23 13.10
C14 ANC E . -7.40 9.53 14.76
N1 ANC E . -8.59 12.04 14.59
C1 3OM F . -9.31 12.12 15.17
C1 3OM F . -7.33 5.82 12.51
O1 3OM F . -9.31 10.59 11.64
O1 3OM F . -5.35 6.53 15.46
C2 3OM F . -9.36 12.16 13.68
C2 3OM F . -6.26 5.47 13.71
C3 3OM F . -9.03 10.72 13.03
C3 3OM F . -6.51 6.26 15.15
C4 3OM F . -8.73 9.46 13.86
C4 3OM F . -7.80 7.13 14.66
C5 3OM F . -8.77 8.22 12.96
C5 3OM F . -7.66 8.56 14.33
C6 3OM F . -8.66 7.11 13.65
C6 3OM F . -8.88 9.18 13.83
C7 3OM F . -8.64 5.91 12.92
C7 3OM F . -8.63 10.59 13.39
C8 3OM F . -8.60 4.65 13.84
C8 3OM F . -9.99 11.25 12.95
#